data_6B0Q
#
_entry.id   6B0Q
#
_cell.length_a   161.664
_cell.length_b   161.664
_cell.length_c   42.172
_cell.angle_alpha   90.00
_cell.angle_beta   90.00
_cell.angle_gamma   120.00
#
_symmetry.space_group_name_H-M   'P 63'
#
loop_
_entity.id
_entity.type
_entity.pdbx_description
1 polymer 'Wilms tumor protein'
2 polymer "DNA (5'-D(P*GP*CP*GP*TP*GP*GP*GP*AP*GP*TP*GP*TP*T)-3')"
3 polymer "DNA (5'-D(P*AP*AP*CP*AP*CP*TP*CP*CP*CP*AP*CP*GP*C)-3')"
4 non-polymer 'ZINC ION'
5 non-polymer 'SULFATE ION'
6 water water
#
loop_
_entity_poly.entity_id
_entity_poly.type
_entity_poly.pdbx_seq_one_letter_code
_entity_poly.pdbx_strand_id
1 'polypeptide(L)'
;HMRPFMCAYPGCNKRYFKLSHLQMHSRKHTGEKPYQCDFKDCERRFSRSDQLKRHQRRHTGVKPFQCKTCQRKFSRSDHL
KTHTRTHTGEKPFSCRWPSCQKKFARSDELVRHHNMHQR
;
D,A
2 'polydeoxyribonucleotide' (DA)(DG)(DC)(DG)(DT)(DG)(DG)(DG)(DA)(DG)(DT)(DG)(DT)(DT) E,B
3 'polydeoxyribonucleotide' (DT)(DA)(DA)(DC)(DA)(DC)(DT)(DC)(DC)(DC)(DA)(DC)(DG)(DC) F,C
#
loop_
_chem_comp.id
_chem_comp.type
_chem_comp.name
_chem_comp.formula
DA DNA linking 2'-DEOXYADENOSINE-5'-MONOPHOSPHATE 'C10 H14 N5 O6 P'
DC DNA linking 2'-DEOXYCYTIDINE-5'-MONOPHOSPHATE 'C9 H14 N3 O7 P'
DG DNA linking 2'-DEOXYGUANOSINE-5'-MONOPHOSPHATE 'C10 H14 N5 O7 P'
DT DNA linking THYMIDINE-5'-MONOPHOSPHATE 'C10 H15 N2 O8 P'
SO4 non-polymer 'SULFATE ION' 'O4 S -2'
ZN non-polymer 'ZINC ION' 'Zn 2'
#
# COMPACT_ATOMS: atom_id res chain seq x y z
N HIS A 1 33.89 -19.82 11.90
CA HIS A 1 33.08 -20.61 12.80
C HIS A 1 31.64 -20.12 12.83
N MET A 2 30.70 -21.05 12.87
CA MET A 2 29.29 -20.75 12.98
C MET A 2 28.77 -21.28 14.32
N ARG A 3 27.64 -20.74 14.73
CA ARG A 3 27.06 -21.00 16.04
C ARG A 3 26.25 -22.31 16.01
N PRO A 4 26.28 -23.09 17.08
CA PRO A 4 25.57 -24.37 17.09
C PRO A 4 24.07 -24.22 17.34
N PHE A 5 23.67 -23.17 18.04
CA PHE A 5 22.32 -23.08 18.59
C PHE A 5 21.48 -22.06 17.83
N MET A 6 20.17 -22.17 17.99
CA MET A 6 19.22 -21.43 17.19
C MET A 6 17.89 -21.34 17.96
N CYS A 7 17.12 -20.29 17.65
CA CYS A 7 15.78 -20.14 18.17
C CYS A 7 14.79 -20.85 17.23
N ALA A 8 13.94 -21.71 17.81
CA ALA A 8 12.99 -22.49 17.03
C ALA A 8 11.73 -21.71 16.66
N TYR A 9 11.72 -20.40 16.88
CA TYR A 9 10.56 -19.60 16.52
C TYR A 9 10.49 -19.44 15.00
N PRO A 10 9.30 -19.52 14.41
CA PRO A 10 9.18 -19.40 12.96
C PRO A 10 9.37 -17.97 12.48
N GLY A 11 10.63 -17.57 12.29
CA GLY A 11 10.93 -16.22 11.85
C GLY A 11 12.17 -15.65 12.52
N CYS A 12 12.48 -16.13 13.71
CA CYS A 12 13.67 -15.70 14.44
C CYS A 12 14.80 -16.67 14.12
N ASN A 13 15.68 -16.28 13.20
CA ASN A 13 16.82 -17.08 12.80
C ASN A 13 18.10 -16.66 13.54
N LYS A 14 17.95 -16.11 14.74
CA LYS A 14 19.12 -15.68 15.51
C LYS A 14 19.83 -16.91 16.07
N ARG A 15 21.15 -16.96 15.86
CA ARG A 15 21.98 -18.09 16.28
C ARG A 15 23.07 -17.59 17.21
N TYR A 16 23.37 -18.36 18.25
CA TYR A 16 24.26 -17.92 19.32
C TYR A 16 25.34 -18.95 19.58
N PHE A 17 26.57 -18.47 19.78
CA PHE A 17 27.66 -19.35 20.20
C PHE A 17 27.40 -19.94 21.58
N LYS A 18 26.73 -19.19 22.44
CA LYS A 18 26.53 -19.56 23.84
C LYS A 18 25.07 -19.93 24.08
N LEU A 19 24.85 -20.93 24.93
CA LEU A 19 23.49 -21.29 25.32
C LEU A 19 22.87 -20.23 26.22
N SER A 20 23.69 -19.55 27.03
CA SER A 20 23.18 -18.52 27.92
C SER A 20 22.54 -17.38 27.14
N HIS A 21 23.14 -17.01 26.00
CA HIS A 21 22.58 -15.93 25.20
C HIS A 21 21.29 -16.35 24.52
N LEU A 22 21.20 -17.60 24.07
CA LEU A 22 19.95 -18.10 23.50
C LEU A 22 18.85 -18.15 24.55
N GLN A 23 19.20 -18.48 25.79
CA GLN A 23 18.21 -18.51 26.86
C GLN A 23 17.62 -17.13 27.12
N MET A 24 18.46 -16.09 27.13
CA MET A 24 17.96 -14.73 27.28
C MET A 24 17.07 -14.35 26.10
N HIS A 25 17.41 -14.81 24.90
CA HIS A 25 16.60 -14.51 23.73
C HIS A 25 15.27 -15.26 23.75
N SER A 26 15.26 -16.48 24.29
CA SER A 26 14.04 -17.28 24.30
C SER A 26 12.93 -16.60 25.08
N ARG A 27 13.28 -15.79 26.07
CA ARG A 27 12.30 -15.08 26.87
C ARG A 27 11.72 -13.86 26.16
N LYS A 28 12.31 -13.44 25.04
CA LYS A 28 11.75 -12.32 24.30
C LYS A 28 10.47 -12.70 23.57
N HIS A 29 10.34 -13.97 23.17
CA HIS A 29 9.13 -14.43 22.49
C HIS A 29 7.98 -14.69 23.46
N THR A 30 8.24 -14.81 24.76
CA THR A 30 7.19 -15.00 25.76
C THR A 30 6.48 -13.67 25.91
N GLY A 31 5.58 -13.41 24.97
CA GLY A 31 5.24 -12.06 24.57
C GLY A 31 3.96 -11.54 25.16
N GLU A 32 4.10 -10.52 26.02
CA GLU A 32 2.98 -9.70 26.49
C GLU A 32 2.15 -9.16 25.32
N LYS A 33 2.80 -8.41 24.44
CA LYS A 33 2.22 -8.01 23.15
C LYS A 33 3.33 -8.10 22.12
N PRO A 34 3.52 -9.26 21.49
CA PRO A 34 4.73 -9.46 20.66
C PRO A 34 4.84 -8.51 19.48
N TYR A 35 3.75 -8.25 18.77
CA TYR A 35 3.81 -7.48 17.53
C TYR A 35 3.84 -5.98 17.84
N GLN A 36 4.91 -5.32 17.42
CA GLN A 36 5.12 -3.90 17.67
C GLN A 36 5.25 -3.15 16.35
N CYS A 37 4.72 -1.94 16.30
CA CYS A 37 4.82 -1.09 15.12
C CYS A 37 6.20 -0.45 15.06
N ASP A 38 6.86 -0.55 13.90
CA ASP A 38 8.20 0.01 13.73
C ASP A 38 8.18 1.28 12.88
N PHE A 39 7.03 1.93 12.76
CA PHE A 39 6.99 3.26 12.18
C PHE A 39 7.58 4.27 13.17
N LYS A 40 8.16 5.34 12.64
CA LYS A 40 8.89 6.29 13.48
C LYS A 40 8.00 6.86 14.57
N ASP A 41 8.45 6.73 15.81
CA ASP A 41 7.82 7.35 16.98
C ASP A 41 6.39 6.86 17.20
N CYS A 42 6.11 5.60 16.87
CA CYS A 42 4.83 5.00 17.22
C CYS A 42 5.01 3.87 18.24
N GLU A 43 5.78 2.84 17.89
CA GLU A 43 6.17 1.77 18.81
C GLU A 43 4.98 1.19 19.58
N ARG A 44 3.80 1.20 18.95
CA ARG A 44 2.61 0.67 19.60
C ARG A 44 2.55 -0.84 19.42
N ARG A 45 2.34 -1.56 20.53
CA ARG A 45 2.36 -3.01 20.53
C ARG A 45 0.95 -3.57 20.46
N PHE A 46 0.81 -4.70 19.75
CA PHE A 46 -0.47 -5.34 19.56
C PHE A 46 -0.37 -6.82 19.90
N SER A 47 -1.53 -7.44 20.12
CA SER A 47 -1.57 -8.85 20.50
C SER A 47 -1.49 -9.78 19.29
N ARG A 48 -1.97 -9.33 18.13
CA ARG A 48 -1.99 -10.16 16.93
C ARG A 48 -1.35 -9.41 15.77
N SER A 49 -0.93 -10.17 14.77
CA SER A 49 -0.25 -9.57 13.61
C SER A 49 -1.23 -8.82 12.72
N ASP A 50 -2.43 -9.35 12.52
CA ASP A 50 -3.42 -8.68 11.67
C ASP A 50 -3.88 -7.36 12.28
N GLN A 51 -3.88 -7.26 13.61
CA GLN A 51 -4.24 -5.99 14.25
C GLN A 51 -3.18 -4.93 14.00
N LEU A 52 -1.90 -5.32 14.03
CA LEU A 52 -0.83 -4.38 13.72
C LEU A 52 -0.89 -3.92 12.27
N LYS A 53 -1.09 -4.87 11.34
CA LYS A 53 -1.15 -4.51 9.93
C LYS A 53 -2.37 -3.66 9.60
N ARG A 54 -3.44 -3.78 10.39
CA ARG A 54 -4.58 -2.87 10.24
C ARG A 54 -4.23 -1.49 10.78
N HIS A 55 -3.53 -1.44 11.93
CA HIS A 55 -3.14 -0.16 12.51
C HIS A 55 -2.20 0.62 11.61
N GLN A 56 -1.28 -0.09 10.94
CA GLN A 56 -0.31 0.58 10.09
C GLN A 56 -0.93 1.28 8.89
N ARG A 57 -2.21 1.02 8.60
CA ARG A 57 -2.91 1.77 7.57
C ARG A 57 -3.11 3.24 7.94
N ARG A 58 -2.89 3.60 9.22
CA ARG A 58 -2.96 4.99 9.63
C ARG A 58 -1.74 5.77 9.16
N HIS A 59 -0.55 5.15 9.23
CA HIS A 59 0.66 5.84 8.79
C HIS A 59 0.70 6.01 7.28
N THR A 60 0.10 5.07 6.53
CA THR A 60 0.08 5.15 5.08
C THR A 60 -1.15 5.85 4.54
N GLY A 61 -2.23 5.93 5.32
CA GLY A 61 -3.44 6.57 4.86
C GLY A 61 -4.17 5.84 3.75
N VAL A 62 -3.86 4.56 3.55
CA VAL A 62 -4.48 3.80 2.46
C VAL A 62 -5.94 3.51 2.80
N LYS A 63 -6.80 3.55 1.79
CA LYS A 63 -8.21 3.23 1.92
C LYS A 63 -8.57 2.23 0.83
N PRO A 64 -8.35 0.93 1.07
CA PRO A 64 -8.54 -0.08 0.02
C PRO A 64 -9.98 -0.47 -0.23
N PHE A 65 -10.94 0.04 0.53
CA PHE A 65 -12.35 -0.33 0.40
C PHE A 65 -13.15 0.89 -0.04
N GLN A 66 -13.83 0.77 -1.18
CA GLN A 66 -14.57 1.86 -1.78
C GLN A 66 -16.05 1.54 -1.83
N CYS A 67 -16.88 2.57 -1.61
CA CYS A 67 -18.33 2.42 -1.69
C CYS A 67 -18.77 2.43 -3.16
N LYS A 68 -19.56 1.43 -3.54
CA LYS A 68 -20.01 1.33 -4.93
C LYS A 68 -21.04 2.39 -5.29
N THR A 69 -21.57 3.12 -4.31
CA THR A 69 -22.60 4.12 -4.58
C THR A 69 -22.05 5.55 -4.63
N CYS A 70 -21.40 6.00 -3.57
CA CYS A 70 -20.90 7.36 -3.48
C CYS A 70 -19.40 7.47 -3.77
N GLN A 71 -18.76 6.38 -4.17
CA GLN A 71 -17.35 6.30 -4.57
C GLN A 71 -16.38 6.66 -3.45
N ARG A 72 -16.85 6.77 -2.21
CA ARG A 72 -15.97 7.10 -1.10
C ARG A 72 -15.17 5.87 -0.66
N LYS A 73 -13.94 6.11 -0.25
CA LYS A 73 -13.02 5.05 0.14
C LYS A 73 -12.82 5.07 1.65
N PHE A 74 -12.63 3.88 2.23
CA PHE A 74 -12.49 3.71 3.66
C PHE A 74 -11.31 2.80 3.97
N SER A 75 -10.78 2.96 5.20
CA SER A 75 -9.58 2.22 5.59
C SER A 75 -9.88 0.77 5.95
N ARG A 76 -11.10 0.46 6.40
CA ARG A 76 -11.44 -0.87 6.85
C ARG A 76 -12.78 -1.30 6.24
N SER A 77 -12.96 -2.62 6.14
CA SER A 77 -14.12 -3.15 5.44
C SER A 77 -15.39 -3.04 6.28
N ASP A 78 -15.29 -3.24 7.59
CA ASP A 78 -16.47 -3.15 8.44
C ASP A 78 -17.03 -1.74 8.44
N HIS A 79 -16.16 -0.73 8.44
CA HIS A 79 -16.64 0.65 8.37
C HIS A 79 -17.27 0.95 7.02
N LEU A 80 -16.84 0.27 5.97
CA LEU A 80 -17.53 0.38 4.68
C LEU A 80 -18.91 -0.27 4.74
N LYS A 81 -19.06 -1.35 5.51
CA LYS A 81 -20.34 -2.05 5.59
C LYS A 81 -21.42 -1.16 6.20
N THR A 82 -21.11 -0.51 7.32
CA THR A 82 -22.07 0.38 7.94
C THR A 82 -22.26 1.69 7.17
N HIS A 83 -21.28 2.08 6.34
CA HIS A 83 -21.49 3.21 5.46
C HIS A 83 -22.53 2.90 4.39
N THR A 84 -22.54 1.67 3.88
CA THR A 84 -23.58 1.27 2.95
C THR A 84 -24.96 1.30 3.60
N ARG A 85 -25.02 1.11 4.92
CA ARG A 85 -26.30 1.25 5.62
C ARG A 85 -26.80 2.69 5.57
N THR A 86 -25.89 3.66 5.51
CA THR A 86 -26.30 5.05 5.35
C THR A 86 -27.05 5.25 4.04
N HIS A 87 -26.61 4.57 2.97
CA HIS A 87 -27.25 4.73 1.67
C HIS A 87 -28.53 3.90 1.58
N THR A 88 -28.49 2.64 2.01
CA THR A 88 -29.65 1.78 1.86
C THR A 88 -30.74 2.08 2.89
N GLY A 89 -30.41 2.83 3.95
CA GLY A 89 -31.40 3.21 4.94
C GLY A 89 -31.86 2.12 5.88
N GLU A 90 -31.22 0.96 5.87
CA GLU A 90 -31.62 -0.12 6.76
C GLU A 90 -31.22 0.20 8.19
N LYS A 91 -32.02 -0.30 9.13
CA LYS A 91 -31.79 -0.09 10.57
C LYS A 91 -32.15 -1.37 11.31
N PRO A 92 -31.23 -2.33 11.37
CA PRO A 92 -31.56 -3.62 11.99
C PRO A 92 -31.79 -3.51 13.49
N PHE A 93 -30.95 -2.78 14.21
CA PHE A 93 -31.06 -2.67 15.65
C PHE A 93 -32.29 -1.87 16.02
N SER A 94 -33.20 -2.48 16.76
CA SER A 94 -34.45 -1.86 17.17
C SER A 94 -34.47 -1.70 18.68
N CYS A 95 -35.00 -0.57 19.15
CA CYS A 95 -35.14 -0.34 20.58
C CYS A 95 -36.18 -1.28 21.18
N ARG A 96 -35.86 -1.85 22.34
CA ARG A 96 -36.71 -2.81 23.01
C ARG A 96 -37.24 -2.27 24.34
N TRP A 97 -37.61 -0.99 24.35
CA TRP A 97 -38.33 -0.39 25.46
C TRP A 97 -39.81 -0.31 25.12
N PRO A 98 -40.68 -0.53 26.11
CA PRO A 98 -42.12 -0.52 25.83
C PRO A 98 -42.57 0.82 25.27
N SER A 99 -43.48 0.75 24.29
CA SER A 99 -44.05 1.94 23.64
C SER A 99 -42.98 2.79 22.97
N CYS A 100 -41.93 2.15 22.42
CA CYS A 100 -40.89 2.88 21.70
C CYS A 100 -40.42 1.98 20.55
N GLN A 101 -40.90 2.27 19.35
CA GLN A 101 -40.48 1.56 18.14
C GLN A 101 -39.51 2.46 17.38
N LYS A 102 -38.25 2.42 17.80
CA LYS A 102 -37.20 3.22 17.19
C LYS A 102 -36.07 2.30 16.74
N LYS A 103 -35.59 2.51 15.52
CA LYS A 103 -34.57 1.65 14.91
C LYS A 103 -33.31 2.46 14.60
N PHE A 104 -32.18 1.77 14.62
CA PHE A 104 -30.88 2.38 14.35
C PHE A 104 -30.07 1.46 13.45
N ALA A 105 -29.09 2.05 12.77
CA ALA A 105 -28.27 1.33 11.81
C ALA A 105 -26.97 0.78 12.40
N ARG A 106 -26.73 0.99 13.70
CA ARG A 106 -25.50 0.53 14.33
C ARG A 106 -25.80 0.17 15.78
N SER A 107 -25.05 -0.82 16.28
CA SER A 107 -25.27 -1.27 17.65
C SER A 107 -24.95 -0.19 18.66
N ASP A 108 -23.84 0.52 18.49
CA ASP A 108 -23.48 1.59 19.40
C ASP A 108 -24.47 2.74 19.37
N GLU A 109 -25.21 2.90 18.27
CA GLU A 109 -26.30 3.88 18.25
C GLU A 109 -27.43 3.45 19.18
N LEU A 110 -27.78 2.17 19.16
CA LEU A 110 -28.84 1.68 20.04
C LEU A 110 -28.41 1.73 21.51
N VAL A 111 -27.14 1.46 21.78
CA VAL A 111 -26.64 1.53 23.15
C VAL A 111 -26.78 2.94 23.69
N ARG A 112 -26.41 3.94 22.88
CA ARG A 112 -26.57 5.34 23.30
C ARG A 112 -28.04 5.67 23.54
N HIS A 113 -28.94 5.11 22.72
CA HIS A 113 -30.35 5.35 22.92
C HIS A 113 -30.85 4.70 24.21
N HIS A 114 -30.41 3.45 24.48
CA HIS A 114 -30.82 2.77 25.69
C HIS A 114 -30.37 3.53 26.94
N ASN A 115 -29.21 4.19 26.88
CA ASN A 115 -28.73 4.94 28.04
C ASN A 115 -29.50 6.24 28.23
N MET A 116 -29.93 6.88 27.14
CA MET A 116 -30.73 8.09 27.27
C MET A 116 -32.16 7.82 27.70
N HIS A 117 -32.57 6.54 27.73
CA HIS A 117 -33.85 6.17 28.31
C HIS A 117 -33.86 6.19 29.82
N GLN A 118 -32.72 6.46 30.45
CA GLN A 118 -32.60 6.43 31.90
C GLN A 118 -32.04 7.74 32.44
N HIS D 1 11.45 40.82 -27.31
CA HIS D 1 12.00 39.86 -28.26
C HIS D 1 13.06 39.00 -27.60
N MET D 2 13.08 38.98 -26.28
CA MET D 2 14.06 38.23 -25.51
C MET D 2 13.37 37.06 -24.80
N ARG D 3 14.19 36.09 -24.38
CA ARG D 3 13.72 34.92 -23.65
C ARG D 3 13.58 35.26 -22.17
N PRO D 4 12.36 35.25 -21.63
CA PRO D 4 12.15 35.65 -20.24
C PRO D 4 12.25 34.53 -19.22
N PHE D 5 12.29 33.27 -19.64
CA PHE D 5 12.28 32.13 -18.73
C PHE D 5 13.65 31.48 -18.71
N MET D 6 14.14 31.18 -17.50
CA MET D 6 15.51 30.71 -17.32
C MET D 6 15.56 29.60 -16.29
N CYS D 7 16.48 28.66 -16.49
CA CYS D 7 16.74 27.63 -15.50
C CYS D 7 17.49 28.20 -14.32
N ALA D 8 17.09 27.81 -13.11
CA ALA D 8 17.65 28.38 -11.89
C ALA D 8 18.90 27.67 -11.40
N TYR D 9 19.28 26.55 -12.00
CA TYR D 9 20.49 25.85 -11.60
C TYR D 9 21.71 26.67 -11.98
N PRO D 10 22.55 27.05 -11.01
CA PRO D 10 23.73 27.88 -11.33
C PRO D 10 24.68 27.17 -12.30
N GLY D 11 25.11 27.90 -13.32
CA GLY D 11 25.97 27.33 -14.32
C GLY D 11 25.23 26.93 -15.58
N CYS D 12 24.03 26.37 -15.42
CA CYS D 12 23.23 26.02 -16.58
C CYS D 12 22.51 27.24 -17.13
N ASN D 13 21.61 27.81 -16.34
CA ASN D 13 20.90 29.07 -16.63
C ASN D 13 20.49 29.19 -18.10
N LYS D 14 19.88 28.13 -18.61
CA LYS D 14 19.41 28.12 -19.98
C LYS D 14 18.11 28.89 -20.12
N ARG D 15 18.01 29.70 -21.17
CA ARG D 15 16.86 30.54 -21.41
C ARG D 15 15.94 29.91 -22.43
N TYR D 16 14.64 30.12 -22.26
CA TYR D 16 13.63 29.57 -23.15
C TYR D 16 12.51 30.58 -23.36
N PHE D 17 11.89 30.52 -24.54
CA PHE D 17 10.75 31.38 -24.83
C PHE D 17 9.47 30.83 -24.21
N LYS D 18 9.25 29.52 -24.28
CA LYS D 18 8.04 28.90 -23.79
C LYS D 18 8.31 28.22 -22.45
N LEU D 19 7.30 28.24 -21.58
CA LEU D 19 7.43 27.60 -20.28
C LEU D 19 7.49 26.08 -20.40
N SER D 20 6.88 25.52 -21.45
CA SER D 20 6.92 24.07 -21.64
C SER D 20 8.33 23.59 -21.93
N HIS D 21 9.09 24.34 -22.74
CA HIS D 21 10.46 23.94 -23.03
C HIS D 21 11.36 24.11 -21.82
N LEU D 22 11.07 25.07 -20.95
CA LEU D 22 11.81 25.18 -19.69
C LEU D 22 11.46 24.06 -18.74
N GLN D 23 10.20 23.58 -18.77
CA GLN D 23 9.82 22.46 -17.92
C GLN D 23 10.53 21.18 -18.34
N MET D 24 10.55 20.89 -19.65
CA MET D 24 11.23 19.70 -20.13
C MET D 24 12.72 19.74 -19.85
N HIS D 25 13.32 20.94 -19.81
CA HIS D 25 14.72 21.06 -19.45
C HIS D 25 14.93 20.75 -17.97
N SER D 26 14.09 21.31 -17.11
CA SER D 26 14.21 21.08 -15.67
C SER D 26 13.96 19.62 -15.30
N ARG D 27 13.22 18.88 -16.12
CA ARG D 27 12.98 17.46 -15.88
C ARG D 27 14.21 16.60 -16.12
N LYS D 28 15.32 17.18 -16.58
CA LYS D 28 16.55 16.43 -16.79
C LYS D 28 17.55 16.61 -15.66
N HIS D 29 17.38 17.64 -14.83
CA HIS D 29 18.20 17.77 -13.64
C HIS D 29 17.78 16.74 -12.58
N THR D 30 18.70 16.45 -11.66
CA THR D 30 18.48 15.40 -10.67
C THR D 30 17.21 15.66 -9.87
N GLY D 31 17.14 16.78 -9.16
CA GLY D 31 15.96 17.11 -8.39
C GLY D 31 15.95 16.49 -7.02
N GLU D 32 15.28 17.13 -6.07
CA GLU D 32 15.25 16.65 -4.70
C GLU D 32 14.22 15.54 -4.53
N LYS D 33 14.51 14.62 -3.61
CA LYS D 33 13.61 13.54 -3.22
C LYS D 33 13.29 13.77 -1.74
N PRO D 34 12.38 14.71 -1.44
CA PRO D 34 12.22 15.15 -0.04
C PRO D 34 11.40 14.22 0.84
N TYR D 35 10.58 13.34 0.26
CA TYR D 35 9.68 12.51 1.05
C TYR D 35 10.44 11.29 1.58
N GLN D 36 10.71 11.30 2.88
CA GLN D 36 11.43 10.22 3.53
C GLN D 36 10.47 9.12 3.99
N CYS D 37 10.99 7.90 4.04
CA CYS D 37 10.25 6.78 4.61
C CYS D 37 10.64 6.63 6.07
N ASP D 38 9.63 6.52 6.94
CA ASP D 38 9.85 6.56 8.38
C ASP D 38 9.85 5.18 9.03
N PHE D 39 9.65 4.11 8.26
CA PHE D 39 9.71 2.78 8.84
C PHE D 39 11.15 2.44 9.23
N LYS D 40 11.27 1.56 10.23
CA LYS D 40 12.58 1.23 10.79
C LYS D 40 13.51 0.67 9.71
N ASP D 41 14.73 1.20 9.67
CA ASP D 41 15.78 0.75 8.77
C ASP D 41 15.32 0.79 7.31
N CYS D 42 15.04 2.00 6.85
CA CYS D 42 14.64 2.22 5.47
C CYS D 42 15.12 3.60 5.05
N GLU D 43 16.08 3.65 4.13
CA GLU D 43 16.65 4.90 3.65
C GLU D 43 16.05 5.34 2.31
N ARG D 44 14.86 4.86 1.97
CA ARG D 44 14.24 5.21 0.71
C ARG D 44 13.70 6.63 0.75
N ARG D 45 13.91 7.37 -0.34
CA ARG D 45 13.38 8.71 -0.50
C ARG D 45 12.69 8.81 -1.86
N PHE D 46 11.69 9.69 -1.95
CA PHE D 46 10.90 9.81 -3.16
C PHE D 46 10.62 11.28 -3.45
N SER D 47 10.34 11.56 -4.72
CA SER D 47 10.13 12.94 -5.15
C SER D 47 8.70 13.41 -4.91
N ARG D 48 7.73 12.50 -4.96
CA ARG D 48 6.32 12.85 -4.79
C ARG D 48 5.73 12.03 -3.64
N SER D 49 4.63 12.56 -3.08
CA SER D 49 4.01 11.90 -1.93
C SER D 49 3.40 10.56 -2.32
N ASP D 50 2.69 10.52 -3.45
CA ASP D 50 2.03 9.29 -3.88
C ASP D 50 3.03 8.16 -4.11
N GLN D 51 4.27 8.51 -4.49
CA GLN D 51 5.30 7.49 -4.62
C GLN D 51 5.67 6.90 -3.27
N LEU D 52 5.81 7.75 -2.24
CA LEU D 52 6.12 7.25 -0.90
C LEU D 52 4.97 6.41 -0.35
N LYS D 53 3.73 6.83 -0.60
CA LYS D 53 2.58 6.05 -0.15
C LYS D 53 2.56 4.68 -0.80
N ARG D 54 2.79 4.64 -2.12
CA ARG D 54 2.82 3.36 -2.84
C ARG D 54 3.96 2.48 -2.34
N HIS D 55 5.12 3.08 -2.08
CA HIS D 55 6.26 2.31 -1.58
C HIS D 55 5.98 1.70 -0.23
N GLN D 56 5.31 2.44 0.66
CA GLN D 56 5.06 1.97 2.02
C GLN D 56 4.15 0.75 2.06
N ARG D 57 3.49 0.40 0.95
CA ARG D 57 2.75 -0.85 0.90
C ARG D 57 3.68 -2.06 1.01
N ARG D 58 4.98 -1.88 0.81
CA ARG D 58 5.93 -2.97 1.00
C ARG D 58 6.10 -3.29 2.48
N HIS D 59 6.02 -2.29 3.35
CA HIS D 59 6.16 -2.54 4.79
C HIS D 59 4.88 -3.08 5.40
N THR D 60 3.73 -2.57 4.95
CA THR D 60 2.45 -3.00 5.51
C THR D 60 1.97 -4.30 4.89
N GLY D 61 2.13 -4.45 3.58
CA GLY D 61 1.68 -5.64 2.89
C GLY D 61 0.25 -5.60 2.40
N VAL D 62 -0.37 -4.43 2.37
CA VAL D 62 -1.76 -4.34 1.92
C VAL D 62 -1.85 -4.66 0.44
N LYS D 63 -3.00 -5.20 0.03
CA LYS D 63 -3.27 -5.55 -1.37
C LYS D 63 -4.65 -4.99 -1.72
N PRO D 64 -4.74 -3.70 -2.02
CA PRO D 64 -6.05 -3.09 -2.24
C PRO D 64 -6.81 -3.63 -3.44
N PHE D 65 -6.12 -4.21 -4.41
CA PHE D 65 -6.73 -4.59 -5.68
C PHE D 65 -6.76 -6.11 -5.80
N GLN D 66 -7.91 -6.65 -6.17
CA GLN D 66 -8.14 -8.10 -6.22
C GLN D 66 -8.66 -8.50 -7.59
N CYS D 67 -8.18 -9.63 -8.09
CA CYS D 67 -8.60 -10.14 -9.38
C CYS D 67 -9.99 -10.74 -9.29
N LYS D 68 -10.81 -10.51 -10.33
CA LYS D 68 -12.17 -11.03 -10.38
C LYS D 68 -12.25 -12.47 -10.83
N THR D 69 -11.13 -13.09 -11.19
CA THR D 69 -11.12 -14.44 -11.74
C THR D 69 -10.50 -15.46 -10.78
N CYS D 70 -9.25 -15.24 -10.36
CA CYS D 70 -8.56 -16.15 -9.46
C CYS D 70 -8.53 -15.65 -8.03
N GLN D 71 -9.18 -14.52 -7.74
CA GLN D 71 -9.31 -13.94 -6.41
C GLN D 71 -7.97 -13.56 -5.79
N ARG D 72 -6.92 -13.49 -6.60
CA ARG D 72 -5.61 -13.07 -6.11
C ARG D 72 -5.57 -11.56 -5.93
N LYS D 73 -4.88 -11.12 -4.88
CA LYS D 73 -4.81 -9.71 -4.53
C LYS D 73 -3.42 -9.16 -4.83
N PHE D 74 -3.37 -7.89 -5.20
CA PHE D 74 -2.12 -7.25 -5.62
C PHE D 74 -1.99 -5.88 -4.96
N SER D 75 -0.75 -5.40 -4.90
CA SER D 75 -0.46 -4.16 -4.19
C SER D 75 -0.78 -2.93 -5.04
N ARG D 76 -0.62 -3.00 -6.36
CA ARG D 76 -0.81 -1.86 -7.24
C ARG D 76 -1.82 -2.20 -8.32
N SER D 77 -2.57 -1.19 -8.77
CA SER D 77 -3.65 -1.42 -9.73
C SER D 77 -3.11 -1.81 -11.10
N ASP D 78 -2.03 -1.16 -11.54
CA ASP D 78 -1.48 -1.45 -12.86
C ASP D 78 -0.96 -2.88 -12.95
N HIS D 79 -0.47 -3.44 -11.83
CA HIS D 79 -0.02 -4.82 -11.84
C HIS D 79 -1.18 -5.80 -11.89
N LEU D 80 -2.34 -5.41 -11.33
CA LEU D 80 -3.54 -6.23 -11.47
C LEU D 80 -4.05 -6.23 -12.90
N LYS D 81 -4.16 -5.05 -13.51
CA LYS D 81 -4.57 -4.94 -14.90
C LYS D 81 -3.71 -5.80 -15.79
N THR D 82 -2.42 -5.90 -15.47
CA THR D 82 -1.53 -6.78 -16.20
C THR D 82 -1.85 -8.24 -15.94
N HIS D 83 -2.08 -8.59 -14.68
CA HIS D 83 -2.34 -9.99 -14.32
C HIS D 83 -3.58 -10.53 -15.02
N THR D 84 -4.60 -9.69 -15.20
CA THR D 84 -5.82 -10.13 -15.86
C THR D 84 -5.58 -10.61 -17.28
N ARG D 85 -4.48 -10.20 -17.91
CA ARG D 85 -4.18 -10.66 -19.26
C ARG D 85 -3.74 -12.12 -19.28
N THR D 86 -3.30 -12.66 -18.15
CA THR D 86 -2.95 -14.08 -18.11
C THR D 86 -4.19 -14.96 -18.21
N HIS D 87 -5.33 -14.49 -17.68
CA HIS D 87 -6.56 -15.27 -17.76
C HIS D 87 -7.28 -15.06 -19.08
N THR D 88 -7.17 -13.88 -19.68
CA THR D 88 -7.86 -13.59 -20.92
C THR D 88 -7.06 -13.99 -22.15
N GLY D 89 -5.74 -14.09 -22.05
CA GLY D 89 -4.91 -14.56 -23.15
C GLY D 89 -4.61 -13.53 -24.21
N GLU D 90 -4.96 -12.26 -24.01
CA GLU D 90 -4.74 -11.24 -25.03
C GLU D 90 -3.28 -10.82 -25.06
N LYS D 91 -2.77 -10.56 -26.27
CA LYS D 91 -1.39 -10.13 -26.48
C LYS D 91 -1.38 -8.97 -27.47
N PRO D 92 -1.59 -7.74 -26.99
CA PRO D 92 -1.65 -6.60 -27.91
C PRO D 92 -0.30 -6.26 -28.53
N PHE D 93 0.80 -6.43 -27.81
CA PHE D 93 2.12 -6.04 -28.29
C PHE D 93 2.64 -7.09 -29.27
N SER D 94 2.80 -6.70 -30.53
CA SER D 94 3.32 -7.56 -31.56
C SER D 94 4.72 -7.11 -31.97
N CYS D 95 5.52 -8.07 -32.42
CA CYS D 95 6.91 -7.79 -32.79
C CYS D 95 6.97 -7.21 -34.20
N ARG D 96 7.67 -6.09 -34.33
CA ARG D 96 7.81 -5.40 -35.61
C ARG D 96 9.02 -5.85 -36.40
N TRP D 97 9.73 -6.86 -35.92
CA TRP D 97 10.88 -7.36 -36.66
C TRP D 97 10.42 -8.10 -37.91
N PRO D 98 11.16 -8.00 -39.01
CA PRO D 98 10.74 -8.68 -40.25
C PRO D 98 10.64 -10.19 -40.07
N SER D 99 9.50 -10.73 -40.49
CA SER D 99 9.24 -12.17 -40.57
C SER D 99 9.26 -12.85 -39.21
N CYS D 100 8.89 -12.13 -38.15
CA CYS D 100 8.79 -12.73 -36.82
C CYS D 100 7.34 -13.03 -36.44
N GLN D 101 6.49 -12.02 -36.42
CA GLN D 101 5.07 -12.14 -36.09
C GLN D 101 4.86 -12.88 -34.78
N LYS D 102 5.38 -12.28 -33.70
CA LYS D 102 5.26 -12.82 -32.37
C LYS D 102 4.59 -11.79 -31.46
N LYS D 103 3.72 -12.28 -30.57
CA LYS D 103 2.90 -11.41 -29.73
C LYS D 103 3.29 -11.60 -28.27
N PHE D 104 3.10 -10.53 -27.49
CA PHE D 104 3.38 -10.55 -26.07
C PHE D 104 2.28 -9.79 -25.33
N ALA D 105 2.15 -10.09 -24.03
CA ALA D 105 1.11 -9.49 -23.22
C ALA D 105 1.53 -8.17 -22.57
N ARG D 106 2.82 -7.87 -22.50
CA ARG D 106 3.29 -6.66 -21.87
C ARG D 106 4.34 -5.98 -22.75
N SER D 107 4.48 -4.67 -22.57
CA SER D 107 5.43 -3.90 -23.38
C SER D 107 6.86 -4.29 -23.06
N ASP D 108 7.19 -4.48 -21.78
CA ASP D 108 8.55 -4.83 -21.40
C ASP D 108 8.95 -6.20 -21.93
N GLU D 109 7.99 -7.12 -22.04
CA GLU D 109 8.28 -8.41 -22.65
C GLU D 109 8.70 -8.24 -24.12
N LEU D 110 8.00 -7.37 -24.85
CA LEU D 110 8.36 -7.12 -26.24
C LEU D 110 9.70 -6.41 -26.34
N VAL D 111 9.99 -5.50 -25.41
CA VAL D 111 11.26 -4.78 -25.43
C VAL D 111 12.42 -5.76 -25.23
N ARG D 112 12.27 -6.68 -24.27
CA ARG D 112 13.29 -7.71 -24.07
C ARG D 112 13.49 -8.55 -25.34
N HIS D 113 12.38 -8.97 -25.95
CA HIS D 113 12.45 -9.74 -27.19
C HIS D 113 13.05 -8.90 -28.32
N HIS D 114 12.63 -7.63 -28.44
CA HIS D 114 13.17 -6.77 -29.48
C HIS D 114 14.65 -6.52 -29.29
N ASN D 115 15.12 -6.46 -28.04
CA ASN D 115 16.54 -6.27 -27.79
C ASN D 115 17.35 -7.50 -28.19
N MET D 116 16.77 -8.69 -28.07
CA MET D 116 17.49 -9.89 -28.47
C MET D 116 17.51 -10.10 -29.97
N HIS D 117 16.64 -9.40 -30.72
CA HIS D 117 16.78 -9.41 -32.17
C HIS D 117 18.01 -8.65 -32.62
N GLN D 118 18.46 -7.67 -31.83
CA GLN D 118 19.60 -6.83 -32.17
C GLN D 118 20.93 -7.43 -31.74
N ARG D 119 20.95 -8.67 -31.27
CA ARG D 119 22.18 -9.30 -30.81
C ARG D 119 23.12 -9.58 -31.98
ZN ZN G . 13.72 -16.06 18.70
ZN ZN H . 2.18 2.66 14.31
ZN ZN I . -21.41 5.50 -0.02
ZN ZN J . -36.22 3.78 22.77
S SO4 K . -6.28 3.27 23.82
O1 SO4 K . -5.37 3.87 22.85
O2 SO4 K . -5.69 2.04 24.35
O3 SO4 K . -7.55 2.95 23.18
O4 SO4 K . -6.52 4.21 24.92
S SO4 L . 26.82 -14.97 20.79
O1 SO4 L . 28.28 -14.93 20.77
O2 SO4 L . 26.37 -16.01 21.71
O3 SO4 L . 26.32 -15.27 19.45
O4 SO4 L . 26.30 -13.68 21.22
S SO4 M . 27.44 -21.51 27.69
O1 SO4 M . 28.69 -20.76 27.51
O2 SO4 M . 27.70 -22.93 27.57
O3 SO4 M . 26.89 -21.22 29.01
O4 SO4 M . 26.49 -21.10 26.67
S SO4 N . -16.98 13.60 7.15
O1 SO4 N . -18.05 12.60 7.11
O2 SO4 N . -15.72 12.96 6.81
O3 SO4 N . -16.89 14.15 8.50
O4 SO4 N . -17.26 14.66 6.21
ZN ZN O . 19.32 23.64 -16.31
ZN ZN P . 10.31 2.25 3.25
ZN ZN Q . -6.48 -13.58 -11.76
ZN ZN R . 10.54 -10.87 -33.02
S SO4 S . 15.20 -1.26 -1.59
O1 SO4 S . 15.06 -2.43 -2.45
O2 SO4 S . 15.73 -1.66 -0.30
O3 SO4 S . 16.11 -0.30 -2.22
O4 SO4 S . 13.89 -0.64 -1.41
S SO4 T . 12.41 27.95 -26.87
O1 SO4 T . 13.38 26.86 -26.90
O2 SO4 T . 11.91 28.19 -28.22
O3 SO4 T . 11.30 27.61 -25.99
O4 SO4 T . 13.06 29.16 -26.37
S SO4 U . 18.48 20.77 -23.30
O1 SO4 U . 18.70 19.84 -24.40
O2 SO4 U . 19.73 20.95 -22.56
O3 SO4 U . 18.04 22.05 -23.83
O4 SO4 U . 17.45 20.24 -22.40
S SO4 V . 4.30 -16.56 -7.87
O1 SO4 V . 4.33 -17.90 -7.29
O2 SO4 V . 5.24 -16.51 -8.99
O3 SO4 V . 2.95 -16.28 -8.36
O4 SO4 V . 4.68 -15.58 -6.86
#